data_2O0L
#
_entry.id   2O0L
#
_cell.length_a   58.323
_cell.length_b   60.593
_cell.length_c   86.667
_cell.angle_alpha   90.00
_cell.angle_beta   108.96
_cell.angle_gamma   90.00
#
_symmetry.space_group_name_H-M   'P 1 21 1'
#
loop_
_entity.id
_entity.type
_entity.pdbx_description
1 polymer 'Spermidine synthase'
2 non-polymer "5'-[(S)-(3-AMINOPROPYL)(METHYL)-LAMBDA~4~-SULFANYL]-5'-DEOXYADENOSINE"
3 water water
#
_entity_poly.entity_id   1
_entity_poly.type   'polypeptide(L)'
_entity_poly.pdbx_seq_one_letter_code
;GSMEPGPDGPAASGPAAIREGWFRETCSLWPGQALSLQVEQLLHHRRSRYQDILVFRSKTYGNVLVLDGVIQCTERDEFS
YQEMIANLPLCSHPNPRKVLIIGGGDGGVLREVVKHPSVESVVQCEIDEDVIQVSKKFLPGMAIGYSSSKLTLHVGDGFE
FMKQNQDAFDVIITDSSDPMGPAESLFKESYYQLMKTALKEDGVLCCQGECQWLHLDLIKEMRQFCQSLFPVVAYAYCTI
PTYPSGQIGFMLCSKNPSTNFQEPVQPLTQQQVAQMQLKYYNSDVHRAAFVLPEFARKALNDVS
;
_entity_poly.pdbx_strand_id   A,B
#
# COMPACT_ATOMS: atom_id res chain seq x y z
N ILE A 18 21.18 -10.04 13.02
CA ILE A 18 21.24 -8.55 13.09
C ILE A 18 22.69 -8.02 13.05
N ARG A 19 22.89 -6.86 12.42
CA ARG A 19 24.22 -6.30 12.16
C ARG A 19 24.19 -4.77 12.29
N GLU A 20 25.16 -4.19 12.99
CA GLU A 20 25.24 -2.71 13.11
C GLU A 20 23.96 -2.06 13.71
N GLY A 21 23.22 -2.84 14.49
CA GLY A 21 22.01 -2.35 15.16
C GLY A 21 20.75 -2.46 14.32
N TRP A 22 20.84 -3.18 13.20
CA TRP A 22 19.69 -3.33 12.31
C TRP A 22 19.45 -4.77 11.93
N PHE A 23 18.17 -5.15 11.85
CA PHE A 23 17.77 -6.44 11.25
C PHE A 23 17.31 -6.25 9.80
N ARG A 24 17.98 -6.96 8.89
CA ARG A 24 17.68 -6.94 7.45
C ARG A 24 17.05 -8.26 7.04
N GLU A 25 15.87 -8.14 6.43
CA GLU A 25 15.10 -9.28 5.96
C GLU A 25 15.40 -9.49 4.49
N THR A 26 16.10 -10.56 4.18
CA THR A 26 16.33 -10.94 2.78
C THR A 26 15.68 -12.28 2.57
N CYS A 27 15.14 -12.50 1.36
CA CYS A 27 14.60 -13.77 0.95
C CYS A 27 14.61 -13.82 -0.56
N SER A 28 14.98 -14.98 -1.11
CA SER A 28 15.01 -15.16 -2.56
C SER A 28 13.65 -15.03 -3.25
N LEU A 29 12.56 -14.97 -2.47
CA LEU A 29 11.21 -14.89 -3.02
C LEU A 29 10.83 -13.43 -3.25
N TRP A 30 11.63 -12.51 -2.68
CA TRP A 30 11.57 -11.09 -3.03
C TRP A 30 12.99 -10.60 -3.28
N PRO A 31 13.57 -11.02 -4.42
CA PRO A 31 14.98 -10.77 -4.71
C PRO A 31 15.31 -9.29 -4.96
N GLY A 32 16.48 -8.89 -4.49
CA GLY A 32 17.04 -7.59 -4.78
C GLY A 32 16.48 -6.48 -3.93
N GLN A 33 15.67 -6.85 -2.94
CA GLN A 33 15.01 -5.87 -2.08
C GLN A 33 15.03 -6.32 -0.62
N ALA A 34 14.96 -5.35 0.30
CA ALA A 34 14.92 -5.68 1.72
C ALA A 34 14.42 -4.54 2.60
N LEU A 35 13.59 -4.94 3.56
CA LEU A 35 13.31 -4.13 4.71
C LEU A 35 14.34 -4.37 5.82
N SER A 36 14.93 -3.27 6.33
CA SER A 36 15.59 -3.33 7.62
C SER A 36 14.80 -2.62 8.72
N LEU A 37 14.79 -3.21 9.92
CA LEU A 37 14.26 -2.53 11.12
C LEU A 37 15.39 -2.36 12.16
N GLN A 38 15.50 -1.17 12.71
CA GLN A 38 16.50 -0.84 13.73
C GLN A 38 16.14 -1.54 15.03
N VAL A 39 17.12 -2.23 15.60
CA VAL A 39 16.96 -3.00 16.83
C VAL A 39 17.35 -2.14 18.05
N GLU A 40 16.43 -2.03 19.01
CA GLU A 40 16.79 -1.47 20.31
C GLU A 40 17.35 -2.58 21.22
N GLN A 41 16.74 -3.77 21.20
CA GLN A 41 17.22 -4.89 22.03
C GLN A 41 16.80 -6.25 21.49
N LEU A 42 17.76 -7.14 21.35
CA LEU A 42 17.47 -8.55 21.05
C LEU A 42 16.74 -9.14 22.27
N LEU A 43 15.64 -9.85 22.05
CA LEU A 43 14.82 -10.34 23.17
C LEU A 43 14.84 -11.86 23.32
N HIS A 44 14.99 -12.56 22.19
CA HIS A 44 14.88 -14.01 22.13
C HIS A 44 15.44 -14.55 20.81
N HIS A 45 16.21 -15.62 20.88
CA HIS A 45 16.78 -16.22 19.67
C HIS A 45 17.12 -17.71 19.85
N ARG A 46 16.12 -18.59 19.61
CA ARG A 46 16.28 -20.06 19.78
C ARG A 46 15.58 -20.82 18.64
N ARG A 47 16.19 -21.92 18.18
CA ARG A 47 15.54 -22.87 17.25
C ARG A 47 14.59 -23.81 17.98
N SER A 48 13.41 -24.00 17.41
CA SER A 48 12.49 -25.00 17.91
C SER A 48 12.71 -26.29 17.10
N ARG A 49 11.87 -27.29 17.33
CA ARG A 49 11.83 -28.51 16.51
C ARG A 49 11.69 -28.17 15.02
N TYR A 50 11.09 -27.01 14.73
CA TYR A 50 10.58 -26.68 13.40
C TYR A 50 11.24 -25.50 12.68
N GLN A 51 11.72 -24.52 13.43
CA GLN A 51 12.14 -23.24 12.84
C GLN A 51 12.97 -22.40 13.79
N ASP A 52 13.76 -21.51 13.21
CA ASP A 52 14.44 -20.46 13.98
C ASP A 52 13.46 -19.34 14.40
N ILE A 53 13.47 -19.01 15.69
CA ILE A 53 12.55 -18.01 16.28
C ILE A 53 13.39 -16.90 16.88
N LEU A 54 13.14 -15.69 16.38
CA LEU A 54 13.90 -14.51 16.74
C LEU A 54 12.91 -13.42 17.12
N VAL A 55 13.03 -12.93 18.36
CA VAL A 55 12.20 -11.80 18.79
C VAL A 55 13.11 -10.65 19.18
N PHE A 56 12.77 -9.44 18.75
CA PHE A 56 13.48 -8.26 19.17
C PHE A 56 12.54 -7.09 19.40
N ARG A 57 12.94 -6.21 20.30
CA ARG A 57 12.31 -4.92 20.45
C ARG A 57 12.93 -3.95 19.44
N SER A 58 12.12 -3.49 18.48
CA SER A 58 12.63 -2.55 17.49
C SER A 58 12.48 -1.15 18.05
N LYS A 59 13.20 -0.21 17.44
CA LYS A 59 13.13 1.21 17.81
C LYS A 59 11.75 1.85 17.56
N THR A 60 11.12 1.54 16.42
CA THR A 60 9.87 2.23 16.05
C THR A 60 8.66 1.34 15.69
N TYR A 61 8.82 0.02 15.77
CA TYR A 61 7.72 -0.88 15.36
C TYR A 61 7.29 -1.79 16.52
N GLY A 62 7.86 -1.51 17.69
CA GLY A 62 7.58 -2.31 18.89
C GLY A 62 8.27 -3.64 18.77
N ASN A 63 7.72 -4.65 19.37
CA ASN A 63 8.30 -5.96 19.28
C ASN A 63 8.06 -6.63 17.90
N VAL A 64 9.06 -7.38 17.45
CA VAL A 64 9.04 -7.99 16.13
C VAL A 64 9.35 -9.52 16.26
N LEU A 65 8.40 -10.34 15.78
CA LEU A 65 8.60 -11.79 15.65
C LEU A 65 9.08 -12.18 14.25
N VAL A 66 10.20 -12.88 14.21
CA VAL A 66 10.79 -13.37 12.95
C VAL A 66 10.89 -14.91 12.99
N LEU A 67 10.34 -15.60 11.97
CA LEU A 67 10.46 -17.08 11.86
C LEU A 67 11.29 -17.46 10.63
N ASP A 68 12.37 -18.21 10.87
CA ASP A 68 13.36 -18.53 9.82
C ASP A 68 13.86 -17.33 8.97
N GLY A 69 14.08 -16.18 9.61
CA GLY A 69 14.48 -14.97 8.87
C GLY A 69 13.37 -14.14 8.24
N VAL A 70 12.13 -14.60 8.27
CA VAL A 70 11.02 -13.84 7.69
C VAL A 70 10.21 -13.14 8.79
N ILE A 71 9.94 -11.85 8.59
CA ILE A 71 9.16 -11.09 9.57
C ILE A 71 7.71 -11.59 9.56
N GLN A 72 7.22 -11.95 10.74
CA GLN A 72 5.86 -12.48 10.90
C GLN A 72 4.87 -11.40 11.31
N CYS A 73 5.36 -10.49 12.15
CA CYS A 73 4.53 -9.44 12.73
C CYS A 73 5.33 -8.44 13.56
N THR A 74 4.80 -7.23 13.66
CA THR A 74 5.34 -6.21 14.53
C THR A 74 4.13 -5.71 15.26
N GLU A 75 4.32 -5.30 16.51
CA GLU A 75 3.21 -4.77 17.32
C GLU A 75 2.57 -3.50 16.74
N ARG A 76 3.38 -2.69 16.05
CA ARG A 76 2.91 -1.43 15.45
C ARG A 76 1.85 -1.64 14.38
N ASP A 77 2.10 -2.58 13.47
CA ASP A 77 1.25 -2.69 12.27
C ASP A 77 0.47 -3.98 12.11
N GLU A 78 0.58 -4.90 13.07
CA GLU A 78 -0.10 -6.20 13.00
C GLU A 78 -1.60 -6.11 12.80
N PHE A 79 -2.20 -5.04 13.33
CA PHE A 79 -3.66 -4.89 13.30
C PHE A 79 -4.24 -4.95 11.89
N SER A 80 -3.52 -4.47 10.87
CA SER A 80 -4.07 -4.46 9.50
C SER A 80 -4.33 -5.90 8.98
N TYR A 81 -3.27 -6.72 8.99
CA TYR A 81 -3.34 -8.08 8.53
C TYR A 81 -4.34 -8.94 9.36
N GLN A 82 -4.28 -8.80 10.70
CA GLN A 82 -5.08 -9.62 11.63
C GLN A 82 -6.56 -9.34 11.48
N GLU A 83 -6.90 -8.06 11.43
CA GLU A 83 -8.25 -7.62 11.16
C GLU A 83 -8.77 -8.07 9.78
N MET A 84 -7.93 -7.97 8.75
CA MET A 84 -8.40 -8.24 7.41
C MET A 84 -8.61 -9.76 7.14
N ILE A 85 -7.61 -10.56 7.50
CA ILE A 85 -7.71 -12.00 7.42
C ILE A 85 -8.89 -12.65 8.20
N ALA A 86 -9.31 -12.07 9.35
CA ALA A 86 -10.52 -12.53 10.03
C ALA A 86 -11.82 -11.95 9.45
N ASN A 87 -11.86 -10.65 9.20
CA ASN A 87 -13.14 -10.00 8.86
C ASN A 87 -13.58 -10.15 7.40
N LEU A 88 -12.61 -10.24 6.48
CA LEU A 88 -12.94 -10.56 5.09
C LEU A 88 -13.81 -11.83 4.93
N PRO A 89 -13.37 -13.00 5.47
CA PRO A 89 -14.27 -14.16 5.39
C PRO A 89 -15.47 -14.13 6.36
N LEU A 90 -15.23 -13.67 7.61
CA LEU A 90 -16.28 -13.66 8.65
C LEU A 90 -17.43 -12.74 8.26
N CYS A 91 -17.12 -11.59 7.68
CA CYS A 91 -18.15 -10.68 7.18
C CYS A 91 -18.68 -11.03 5.79
N SER A 92 -18.12 -12.08 5.18
CA SER A 92 -18.66 -12.61 3.92
C SER A 92 -19.53 -13.87 4.11
N HIS A 93 -19.80 -14.23 5.37
CA HIS A 93 -20.62 -15.40 5.75
C HIS A 93 -21.82 -14.85 6.50
N PRO A 94 -23.04 -15.31 6.15
CA PRO A 94 -24.19 -14.78 6.87
C PRO A 94 -24.31 -15.15 8.37
N ASN A 95 -23.74 -16.28 8.79
CA ASN A 95 -23.74 -16.69 10.21
C ASN A 95 -22.56 -17.62 10.55
N PRO A 96 -21.35 -17.05 10.68
CA PRO A 96 -20.23 -17.96 10.94
C PRO A 96 -20.15 -18.34 12.41
N ARG A 97 -20.36 -19.62 12.70
CA ARG A 97 -20.45 -20.10 14.10
C ARG A 97 -19.26 -20.98 14.47
N LYS A 98 -18.80 -21.77 13.49
CA LYS A 98 -17.70 -22.70 13.72
C LYS A 98 -16.52 -22.27 12.88
N VAL A 99 -15.45 -21.88 13.55
CA VAL A 99 -14.31 -21.36 12.85
C VAL A 99 -13.08 -22.24 13.11
N LEU A 100 -12.25 -22.37 12.07
CA LEU A 100 -10.95 -23.05 12.13
C LEU A 100 -9.86 -22.07 11.71
N ILE A 101 -8.85 -21.92 12.57
CA ILE A 101 -7.59 -21.21 12.22
C ILE A 101 -6.41 -22.16 12.07
N ILE A 102 -5.73 -22.14 10.92
CA ILE A 102 -4.48 -22.88 10.74
C ILE A 102 -3.30 -21.91 10.90
N GLY A 103 -2.31 -22.29 11.72
CA GLY A 103 -1.19 -21.42 12.11
C GLY A 103 -1.68 -20.50 13.24
N GLY A 104 -1.43 -19.19 13.15
CA GLY A 104 -2.02 -18.28 14.13
C GLY A 104 -1.32 -18.28 15.47
N GLY A 105 -0.06 -18.77 15.46
CA GLY A 105 0.72 -18.96 16.68
C GLY A 105 0.66 -17.78 17.60
N ASP A 106 0.62 -16.57 17.05
CA ASP A 106 0.75 -15.40 17.89
C ASP A 106 -0.55 -15.04 18.63
N GLY A 107 -1.67 -15.63 18.21
CA GLY A 107 -2.96 -15.41 18.87
C GLY A 107 -3.80 -14.30 18.29
N GLY A 108 -3.21 -13.54 17.36
CA GLY A 108 -3.79 -12.30 16.84
C GLY A 108 -5.04 -12.45 16.00
N VAL A 109 -5.03 -13.43 15.09
CA VAL A 109 -6.22 -13.74 14.27
C VAL A 109 -7.36 -14.21 15.17
N LEU A 110 -7.03 -15.06 16.14
CA LEU A 110 -7.91 -15.53 17.21
C LEU A 110 -8.56 -14.35 17.95
N ARG A 111 -7.71 -13.45 18.42
CA ARG A 111 -8.17 -12.16 18.98
C ARG A 111 -9.27 -11.51 18.14
N GLU A 112 -9.07 -11.43 16.83
CA GLU A 112 -10.03 -10.78 15.94
C GLU A 112 -11.29 -11.60 15.73
N VAL A 113 -11.14 -12.90 15.50
CA VAL A 113 -12.31 -13.79 15.31
C VAL A 113 -13.33 -13.77 16.47
N VAL A 114 -12.82 -13.82 17.69
CA VAL A 114 -13.69 -14.05 18.88
C VAL A 114 -14.57 -12.84 19.21
N LYS A 115 -14.23 -11.70 18.60
CA LYS A 115 -15.01 -10.46 18.68
C LYS A 115 -16.42 -10.62 18.11
N HIS A 116 -16.60 -11.60 17.22
CA HIS A 116 -17.88 -11.81 16.54
C HIS A 116 -18.81 -12.63 17.42
N PRO A 117 -19.94 -12.05 17.85
CA PRO A 117 -20.90 -12.78 18.69
C PRO A 117 -21.40 -14.11 18.10
N SER A 118 -21.54 -14.20 16.77
CA SER A 118 -21.99 -15.43 16.07
C SER A 118 -21.03 -16.64 16.25
N VAL A 119 -19.74 -16.36 16.34
CA VAL A 119 -18.72 -17.37 16.57
C VAL A 119 -18.85 -18.04 17.93
N GLU A 120 -19.07 -19.36 17.91
CA GLU A 120 -19.22 -20.13 19.14
C GLU A 120 -17.96 -20.94 19.50
N SER A 121 -17.26 -21.42 18.47
CA SER A 121 -16.10 -22.25 18.67
C SER A 121 -15.07 -21.83 17.65
N VAL A 122 -13.81 -21.73 18.08
CA VAL A 122 -12.70 -21.52 17.19
C VAL A 122 -11.69 -22.59 17.51
N VAL A 123 -11.50 -23.51 16.57
CA VAL A 123 -10.39 -24.46 16.64
C VAL A 123 -9.13 -23.82 16.03
N GLN A 124 -8.00 -23.91 16.72
CA GLN A 124 -6.74 -23.41 16.18
C GLN A 124 -5.69 -24.53 16.15
N CYS A 125 -5.21 -24.83 14.95
CA CYS A 125 -4.19 -25.86 14.80
C CYS A 125 -2.83 -25.20 14.53
N GLU A 126 -1.98 -25.19 15.55
CA GLU A 126 -0.60 -24.67 15.46
C GLU A 126 0.44 -25.80 15.61
N ILE A 127 1.39 -25.86 14.69
CA ILE A 127 2.37 -26.93 14.65
C ILE A 127 3.44 -26.73 15.74
N ASP A 128 3.75 -25.47 16.01
CA ASP A 128 4.90 -25.14 16.85
C ASP A 128 4.53 -24.49 18.19
N GLU A 129 4.47 -25.30 19.25
CA GLU A 129 4.15 -24.85 20.62
C GLU A 129 5.08 -23.77 21.21
N ASP A 130 6.34 -23.80 20.80
CA ASP A 130 7.29 -22.72 21.13
C ASP A 130 6.91 -21.31 20.62
N VAL A 131 6.33 -21.22 19.41
CA VAL A 131 5.85 -19.91 18.91
C VAL A 131 4.80 -19.36 19.85
N ILE A 132 3.88 -20.22 20.28
CA ILE A 132 2.81 -19.82 21.22
C ILE A 132 3.39 -19.26 22.52
N GLN A 133 4.40 -19.93 23.05
CA GLN A 133 4.99 -19.49 24.31
C GLN A 133 5.76 -18.18 24.18
N VAL A 134 6.55 -18.03 23.12
CA VAL A 134 7.22 -16.75 22.85
C VAL A 134 6.24 -15.55 22.63
N SER A 135 5.15 -15.79 21.91
CA SER A 135 4.11 -14.77 21.67
C SER A 135 3.37 -14.37 22.92
N LYS A 136 3.09 -15.32 23.81
CA LYS A 136 2.45 -15.01 25.08
C LYS A 136 3.34 -14.06 25.92
N LYS A 137 4.65 -14.27 25.86
CA LYS A 137 5.60 -13.42 26.57
C LYS A 137 5.86 -12.05 25.88
N PHE A 138 6.11 -12.07 24.57
CA PHE A 138 6.67 -10.90 23.85
C PHE A 138 5.67 -10.24 22.91
N LEU A 139 4.53 -10.89 22.68
CA LEU A 139 3.46 -10.30 21.89
C LEU A 139 2.11 -10.30 22.62
N PRO A 140 2.03 -9.62 23.79
CA PRO A 140 0.85 -9.72 24.66
C PRO A 140 -0.45 -9.17 24.06
N GLY A 141 -0.35 -8.22 23.13
CA GLY A 141 -1.53 -7.58 22.52
C GLY A 141 -2.14 -8.46 21.44
N MET A 142 -1.33 -9.40 20.97
CA MET A 142 -1.75 -10.44 20.05
C MET A 142 -2.17 -11.67 20.85
N ALA A 143 -1.39 -12.08 21.83
CA ALA A 143 -1.68 -13.35 22.54
C ALA A 143 -2.89 -13.34 23.51
N ILE A 144 -3.48 -12.16 23.74
CA ILE A 144 -4.76 -12.03 24.42
C ILE A 144 -5.83 -12.93 23.76
N GLY A 145 -5.61 -13.33 22.49
CA GLY A 145 -6.53 -14.22 21.80
C GLY A 145 -6.74 -15.53 22.57
N TYR A 146 -5.65 -16.04 23.13
CA TYR A 146 -5.63 -17.31 23.86
C TYR A 146 -6.41 -17.29 25.18
N SER A 147 -6.81 -16.10 25.64
CA SER A 147 -7.63 -16.04 26.84
C SER A 147 -9.14 -16.25 26.55
N SER A 148 -9.50 -16.32 25.26
CA SER A 148 -10.90 -16.61 24.89
C SER A 148 -11.39 -18.01 25.32
N SER A 149 -12.62 -18.04 25.80
CA SER A 149 -13.28 -19.29 26.17
C SER A 149 -13.75 -20.08 24.93
N LYS A 150 -13.82 -19.42 23.76
CA LYS A 150 -14.20 -20.05 22.48
C LYS A 150 -13.13 -20.98 21.89
N LEU A 151 -11.89 -20.83 22.36
CA LEU A 151 -10.74 -21.58 21.83
C LEU A 151 -10.72 -23.11 22.11
N THR A 152 -10.47 -23.88 21.06
CA THR A 152 -9.96 -25.25 21.18
C THR A 152 -8.56 -25.27 20.54
N LEU A 153 -7.50 -25.32 21.35
CA LEU A 153 -6.13 -25.36 20.79
C LEU A 153 -5.69 -26.79 20.45
N HIS A 154 -5.30 -26.98 19.19
CA HIS A 154 -4.82 -28.28 18.66
C HIS A 154 -3.37 -28.12 18.20
N VAL A 155 -2.58 -29.19 18.27
CA VAL A 155 -1.16 -29.16 17.89
C VAL A 155 -0.95 -30.08 16.68
N GLY A 156 -0.11 -29.64 15.75
CA GLY A 156 0.23 -30.48 14.61
C GLY A 156 0.24 -29.76 13.30
N ASP A 157 0.59 -30.51 12.26
CA ASP A 157 0.62 -30.02 10.88
C ASP A 157 -0.81 -29.83 10.41
N GLY A 158 -1.17 -28.58 10.12
CA GLY A 158 -2.52 -28.23 9.67
C GLY A 158 -2.98 -28.97 8.42
N PHE A 159 -2.02 -29.43 7.63
CA PHE A 159 -2.29 -30.24 6.45
C PHE A 159 -2.92 -31.59 6.80
N GLU A 160 -2.22 -32.36 7.63
CA GLU A 160 -2.76 -33.64 8.06
C GLU A 160 -3.96 -33.40 8.97
N PHE A 161 -3.97 -32.25 9.68
CA PHE A 161 -5.10 -31.97 10.52
C PHE A 161 -6.37 -31.83 9.68
N MET A 162 -6.26 -31.14 8.54
CA MET A 162 -7.41 -30.84 7.69
C MET A 162 -8.15 -32.11 7.25
N LYS A 163 -7.38 -33.20 7.06
CA LYS A 163 -7.87 -34.55 6.67
C LYS A 163 -8.85 -35.17 7.65
N GLN A 164 -8.74 -34.80 8.92
CA GLN A 164 -9.56 -35.33 9.98
C GLN A 164 -10.99 -34.80 9.95
N ASN A 165 -11.23 -33.78 9.13
CA ASN A 165 -12.46 -32.98 9.24
C ASN A 165 -13.27 -33.05 7.97
N GLN A 166 -14.59 -33.16 8.14
CA GLN A 166 -15.53 -33.19 7.03
C GLN A 166 -16.84 -32.48 7.41
N ASP A 167 -17.23 -31.47 6.62
CA ASP A 167 -18.53 -30.81 6.82
C ASP A 167 -18.60 -30.17 8.22
N ALA A 168 -17.51 -29.58 8.67
CA ALA A 168 -17.35 -29.23 10.10
C ALA A 168 -17.30 -27.74 10.41
N PHE A 169 -16.76 -26.94 9.48
CA PHE A 169 -16.48 -25.51 9.75
C PHE A 169 -17.23 -24.58 8.80
N ASP A 170 -17.67 -23.43 9.32
CA ASP A 170 -18.26 -22.38 8.49
C ASP A 170 -17.16 -21.53 7.81
N VAL A 171 -16.02 -21.40 8.49
CA VAL A 171 -14.92 -20.57 8.00
C VAL A 171 -13.59 -21.20 8.39
N ILE A 172 -12.64 -21.20 7.45
CA ILE A 172 -11.27 -21.65 7.67
C ILE A 172 -10.33 -20.52 7.23
N ILE A 173 -9.50 -20.13 8.18
CA ILE A 173 -8.50 -19.12 7.95
C ILE A 173 -7.15 -19.79 8.09
N THR A 174 -6.32 -19.64 7.09
CA THR A 174 -4.93 -20.05 7.19
C THR A 174 -4.01 -18.82 7.38
N ASP A 175 -3.51 -18.68 8.59
CA ASP A 175 -2.54 -17.69 8.91
C ASP A 175 -1.12 -18.33 8.88
N SER A 176 -0.48 -18.32 7.72
CA SER A 176 0.69 -19.20 7.47
C SER A 176 2.07 -18.56 7.63
N SER A 177 3.06 -19.39 7.96
CA SER A 177 4.47 -18.99 7.86
C SER A 177 5.01 -19.24 6.43
N GLU A 189 -1.48 -27.19 -3.48
CA GLU A 189 -2.79 -27.19 -4.13
C GLU A 189 -3.79 -28.13 -3.43
N SER A 190 -3.41 -29.39 -3.20
CA SER A 190 -4.22 -30.38 -2.43
C SER A 190 -4.87 -29.90 -1.12
N TYR A 191 -4.16 -29.05 -0.37
CA TYR A 191 -4.66 -28.43 0.85
C TYR A 191 -6.00 -27.71 0.66
N TYR A 192 -6.18 -27.09 -0.49
CA TYR A 192 -7.43 -26.42 -0.81
C TYR A 192 -8.62 -27.38 -0.99
N GLN A 193 -8.42 -28.57 -1.58
CA GLN A 193 -9.47 -29.60 -1.64
C GLN A 193 -9.87 -30.07 -0.25
N LEU A 194 -8.86 -30.22 0.59
CA LEU A 194 -9.03 -30.63 1.98
C LEU A 194 -9.84 -29.63 2.79
N MET A 195 -9.51 -28.34 2.62
CA MET A 195 -10.33 -27.25 3.18
C MET A 195 -11.79 -27.30 2.70
N LYS A 196 -12.01 -27.51 1.40
CA LYS A 196 -13.36 -27.62 0.85
C LYS A 196 -14.16 -28.76 1.48
N THR A 197 -13.51 -29.90 1.68
CA THR A 197 -14.15 -31.05 2.32
C THR A 197 -14.48 -30.74 3.79
N ALA A 198 -13.52 -30.10 4.47
CA ALA A 198 -13.66 -29.66 5.86
C ALA A 198 -14.74 -28.61 6.09
N LEU A 199 -15.06 -27.82 5.07
CA LEU A 199 -16.11 -26.81 5.18
C LEU A 199 -17.54 -27.41 5.16
N LYS A 200 -18.45 -26.71 5.82
CA LYS A 200 -19.88 -26.95 5.63
C LYS A 200 -20.26 -26.61 4.19
N GLU A 201 -21.51 -26.95 3.85
CA GLU A 201 -22.14 -26.74 2.55
C GLU A 201 -21.92 -25.36 1.92
N ASP A 202 -22.13 -24.32 2.73
CA ASP A 202 -21.98 -22.92 2.33
C ASP A 202 -20.78 -22.27 3.05
N GLY A 203 -19.79 -23.09 3.42
CA GLY A 203 -18.60 -22.61 4.09
C GLY A 203 -17.72 -21.70 3.23
N VAL A 204 -16.93 -20.86 3.90
CA VAL A 204 -16.00 -19.97 3.22
C VAL A 204 -14.56 -20.07 3.79
N LEU A 205 -13.57 -19.70 3.00
CA LEU A 205 -12.19 -19.73 3.51
C LEU A 205 -11.41 -18.49 3.12
N CYS A 206 -10.43 -18.18 3.95
CA CYS A 206 -9.47 -17.15 3.63
C CYS A 206 -8.05 -17.63 3.92
N CYS A 207 -7.20 -17.64 2.90
CA CYS A 207 -5.80 -18.01 3.07
C CYS A 207 -4.93 -16.82 2.77
N GLN A 208 -3.84 -16.73 3.49
CA GLN A 208 -2.87 -15.72 3.16
C GLN A 208 -2.46 -15.95 1.71
N GLY A 209 -2.51 -14.87 0.94
CA GLY A 209 -2.20 -14.91 -0.46
C GLY A 209 -0.85 -14.27 -0.77
N GLU A 210 -0.59 -14.12 -2.06
CA GLU A 210 0.67 -13.56 -2.54
C GLU A 210 0.57 -12.04 -2.64
N CYS A 211 1.73 -11.37 -2.69
CA CYS A 211 1.74 -9.92 -2.92
C CYS A 211 1.66 -9.65 -4.43
N GLN A 212 0.71 -8.83 -4.84
CA GLN A 212 0.42 -8.63 -6.27
C GLN A 212 1.54 -7.87 -6.97
N TRP A 213 2.34 -7.14 -6.20
CA TRP A 213 3.57 -6.50 -6.70
C TRP A 213 4.79 -7.43 -6.82
N LEU A 214 4.66 -8.66 -6.30
CA LEU A 214 5.77 -9.62 -6.23
C LEU A 214 5.54 -10.92 -7.00
N HIS A 215 4.31 -11.45 -6.97
CA HIS A 215 4.03 -12.79 -7.49
C HIS A 215 2.64 -12.84 -8.08
N LEU A 216 2.39 -11.94 -9.04
CA LEU A 216 1.06 -11.89 -9.65
C LEU A 216 0.81 -13.17 -10.43
N ASP A 217 1.88 -13.69 -11.04
CA ASP A 217 1.82 -14.94 -11.79
C ASP A 217 1.33 -16.09 -10.91
N LEU A 218 1.70 -16.10 -9.63
CA LEU A 218 1.27 -17.16 -8.69
C LEU A 218 -0.18 -16.96 -8.22
N ILE A 219 -0.60 -15.71 -8.13
CA ILE A 219 -1.99 -15.38 -7.77
C ILE A 219 -2.90 -15.84 -8.89
N LYS A 220 -2.49 -15.59 -10.13
CA LYS A 220 -3.27 -15.99 -11.32
C LYS A 220 -3.48 -17.52 -11.35
N GLU A 221 -2.41 -18.30 -11.15
CA GLU A 221 -2.45 -19.78 -11.06
C GLU A 221 -3.30 -20.31 -9.91
N MET A 222 -3.12 -19.71 -8.72
CA MET A 222 -3.85 -20.16 -7.58
C MET A 222 -5.34 -19.87 -7.81
N ARG A 223 -5.68 -18.69 -8.34
CA ARG A 223 -7.06 -18.35 -8.66
C ARG A 223 -7.69 -19.36 -9.65
N GLN A 224 -7.00 -19.67 -10.74
CA GLN A 224 -7.47 -20.66 -11.71
C GLN A 224 -7.64 -22.04 -11.04
N PHE A 225 -6.66 -22.46 -10.22
CA PHE A 225 -6.81 -23.68 -9.41
C PHE A 225 -8.06 -23.67 -8.50
N CYS A 226 -8.20 -22.64 -7.66
CA CYS A 226 -9.38 -22.51 -6.81
C CYS A 226 -10.71 -22.45 -7.57
N GLN A 227 -10.69 -21.76 -8.71
CA GLN A 227 -11.88 -21.62 -9.54
C GLN A 227 -12.39 -22.99 -10.04
N SER A 228 -11.49 -23.95 -10.18
CA SER A 228 -11.79 -25.33 -10.56
C SER A 228 -12.46 -26.17 -9.42
N LEU A 229 -12.26 -25.74 -8.17
CA LEU A 229 -12.79 -26.39 -6.98
C LEU A 229 -14.00 -25.69 -6.38
N PHE A 230 -14.09 -24.38 -6.58
CA PHE A 230 -15.09 -23.53 -5.88
C PHE A 230 -15.87 -22.67 -6.87
N PRO A 231 -17.17 -22.48 -6.61
CA PRO A 231 -17.96 -21.65 -7.52
C PRO A 231 -17.63 -20.15 -7.40
N VAL A 232 -17.09 -19.74 -6.25
CA VAL A 232 -16.75 -18.34 -6.01
C VAL A 232 -15.36 -18.20 -5.40
N VAL A 233 -14.47 -17.49 -6.09
CA VAL A 233 -13.12 -17.24 -5.61
C VAL A 233 -12.79 -15.76 -5.84
N ALA A 234 -12.14 -15.13 -4.87
CA ALA A 234 -11.77 -13.74 -4.99
C ALA A 234 -10.40 -13.46 -4.41
N TYR A 235 -9.78 -12.35 -4.82
CA TYR A 235 -8.50 -11.91 -4.27
C TYR A 235 -8.63 -10.48 -3.73
N ALA A 236 -8.25 -10.30 -2.48
CA ALA A 236 -8.18 -9.00 -1.85
C ALA A 236 -6.80 -8.83 -1.22
N TYR A 237 -6.49 -7.60 -0.85
CA TYR A 237 -5.19 -7.27 -0.26
C TYR A 237 -5.40 -6.19 0.79
N CYS A 238 -4.36 -6.01 1.58
CA CYS A 238 -4.30 -4.93 2.53
C CYS A 238 -2.88 -4.39 2.55
N THR A 239 -2.76 -3.17 3.07
CA THR A 239 -1.43 -2.58 3.22
C THR A 239 -0.90 -2.83 4.64
N ILE A 240 0.41 -3.08 4.71
CA ILE A 240 1.09 -3.37 5.97
C ILE A 240 2.59 -3.13 5.72
N PRO A 241 3.15 -2.03 6.27
CA PRO A 241 4.50 -1.63 5.88
C PRO A 241 5.57 -2.73 5.99
N THR A 242 5.44 -3.62 6.97
CA THR A 242 6.49 -4.59 7.26
C THR A 242 6.28 -5.97 6.64
N TYR A 243 5.37 -6.10 5.69
CA TYR A 243 5.47 -7.26 4.78
C TYR A 243 6.14 -6.83 3.49
N PRO A 244 6.81 -7.75 2.78
CA PRO A 244 7.51 -7.36 1.55
C PRO A 244 6.64 -6.52 0.59
N SER A 245 7.23 -5.43 0.09
CA SER A 245 6.58 -4.49 -0.80
C SER A 245 5.41 -3.69 -0.19
N GLY A 246 5.17 -3.84 1.11
CA GLY A 246 4.29 -2.95 1.87
C GLY A 246 2.83 -3.37 1.87
N GLN A 247 2.58 -4.62 1.49
CA GLN A 247 1.21 -5.15 1.40
C GLN A 247 1.16 -6.68 1.25
N ILE A 248 -0.01 -7.27 1.46
CA ILE A 248 -0.19 -8.69 1.18
C ILE A 248 -1.61 -9.01 0.73
N GLY A 249 -1.74 -10.13 0.04
CA GLY A 249 -3.05 -10.52 -0.50
C GLY A 249 -3.70 -11.65 0.25
N PHE A 250 -4.98 -11.87 -0.06
CA PHE A 250 -5.78 -12.93 0.51
C PHE A 250 -6.51 -13.65 -0.58
N MET A 251 -6.49 -14.99 -0.51
CA MET A 251 -7.34 -15.82 -1.35
C MET A 251 -8.62 -16.12 -0.58
N LEU A 252 -9.75 -15.85 -1.20
CA LEU A 252 -11.05 -16.08 -0.62
C LEU A 252 -11.81 -17.07 -1.50
N CYS A 253 -12.37 -18.11 -0.88
CA CYS A 253 -13.10 -19.14 -1.63
C CYS A 253 -14.40 -19.45 -0.94
N SER A 254 -15.45 -19.70 -1.71
CA SER A 254 -16.73 -20.05 -1.11
C SER A 254 -17.34 -21.25 -1.82
N LYS A 255 -17.93 -22.14 -1.03
CA LYS A 255 -18.69 -23.25 -1.58
C LYS A 255 -20.15 -22.84 -1.91
N ASN A 256 -20.54 -21.62 -1.51
CA ASN A 256 -21.88 -21.11 -1.76
C ASN A 256 -21.81 -20.31 -3.07
N PRO A 257 -22.47 -20.77 -4.16
CA PRO A 257 -22.33 -20.02 -5.43
C PRO A 257 -22.97 -18.61 -5.43
N SER A 258 -23.77 -18.28 -4.42
CA SER A 258 -24.32 -16.94 -4.23
C SER A 258 -23.41 -15.95 -3.49
N THR A 259 -22.34 -16.43 -2.84
CA THR A 259 -21.48 -15.52 -2.08
C THR A 259 -20.96 -14.37 -2.96
N ASN A 260 -21.10 -13.13 -2.45
CA ASN A 260 -20.50 -11.94 -3.06
C ASN A 260 -19.40 -11.43 -2.10
N PHE A 261 -18.15 -11.84 -2.34
CA PHE A 261 -17.06 -11.46 -1.42
C PHE A 261 -16.86 -9.95 -1.36
N GLN A 262 -17.08 -9.28 -2.49
CA GLN A 262 -16.77 -7.86 -2.61
C GLN A 262 -17.70 -6.96 -1.80
N GLU A 263 -18.97 -7.37 -1.68
CA GLU A 263 -19.98 -6.66 -0.89
C GLU A 263 -20.27 -7.49 0.38
N PRO A 264 -19.87 -6.97 1.56
CA PRO A 264 -19.99 -7.77 2.79
C PRO A 264 -21.44 -8.11 3.10
N VAL A 265 -21.74 -9.41 3.24
CA VAL A 265 -23.10 -9.85 3.62
C VAL A 265 -23.38 -9.51 5.09
N GLN A 266 -22.33 -9.36 5.89
CA GLN A 266 -22.47 -8.72 7.21
C GLN A 266 -21.77 -7.34 7.26
N PRO A 267 -22.47 -6.26 6.85
CA PRO A 267 -21.93 -4.90 7.04
C PRO A 267 -21.81 -4.54 8.53
N LEU A 268 -20.78 -3.77 8.87
CA LEU A 268 -20.60 -3.28 10.24
C LEU A 268 -20.99 -1.81 10.36
N THR A 269 -21.72 -1.47 11.43
CA THR A 269 -22.04 -0.07 11.74
C THR A 269 -20.79 0.59 12.31
N GLN A 270 -20.78 1.91 12.38
CA GLN A 270 -19.67 2.62 12.97
C GLN A 270 -19.51 2.21 14.44
N GLN A 271 -20.64 2.04 15.12
CA GLN A 271 -20.69 1.60 16.52
C GLN A 271 -20.04 0.22 16.77
N GLN A 272 -20.25 -0.70 15.81
CA GLN A 272 -19.64 -2.02 15.84
C GLN A 272 -18.14 -1.95 15.64
N VAL A 273 -17.69 -1.10 14.71
CA VAL A 273 -16.26 -0.93 14.39
C VAL A 273 -15.55 -0.40 15.63
N ALA A 274 -16.16 0.64 16.21
CA ALA A 274 -15.82 1.22 17.51
C ALA A 274 -15.73 0.19 18.66
N GLN A 275 -16.79 -0.60 18.85
CA GLN A 275 -16.79 -1.56 19.95
C GLN A 275 -15.74 -2.67 19.75
N MET A 276 -15.56 -3.05 18.48
CA MET A 276 -14.59 -4.06 18.08
C MET A 276 -13.15 -3.55 18.11
N GLN A 277 -13.00 -2.23 18.30
CA GLN A 277 -11.69 -1.58 18.45
C GLN A 277 -10.83 -1.77 17.20
N LEU A 278 -11.50 -1.88 16.08
CA LEU A 278 -10.85 -1.92 14.76
C LEU A 278 -10.06 -0.66 14.41
N LYS A 279 -8.83 -0.89 13.97
CA LYS A 279 -7.94 0.14 13.53
C LYS A 279 -7.70 0.15 12.01
N TYR A 280 -8.11 -0.91 11.31
CA TYR A 280 -7.94 -0.96 9.88
C TYR A 280 -9.25 -1.26 9.16
N TYR A 281 -9.92 -2.35 9.55
CA TYR A 281 -11.09 -2.85 8.84
C TYR A 281 -12.37 -2.02 9.16
N ASN A 282 -13.18 -1.82 8.13
CA ASN A 282 -14.56 -1.39 8.26
C ASN A 282 -15.15 -1.87 6.93
N SER A 283 -16.45 -1.71 6.73
CA SER A 283 -17.13 -2.23 5.55
C SER A 283 -16.73 -1.59 4.21
N ASP A 284 -16.42 -0.30 4.21
CA ASP A 284 -15.88 0.35 3.01
C ASP A 284 -14.49 -0.17 2.65
N VAL A 285 -13.64 -0.38 3.66
CA VAL A 285 -12.29 -0.96 3.48
C VAL A 285 -12.38 -2.38 2.87
N HIS A 286 -13.35 -3.17 3.37
CA HIS A 286 -13.70 -4.49 2.83
C HIS A 286 -13.94 -4.41 1.32
N ARG A 287 -14.78 -3.47 0.88
CA ARG A 287 -15.12 -3.34 -0.54
C ARG A 287 -13.90 -2.93 -1.36
N ALA A 288 -13.16 -1.94 -0.86
CA ALA A 288 -12.05 -1.35 -1.61
C ALA A 288 -10.89 -2.34 -1.74
N ALA A 289 -10.82 -3.29 -0.80
CA ALA A 289 -9.70 -4.25 -0.72
C ALA A 289 -9.67 -5.20 -1.94
N PHE A 290 -10.79 -5.25 -2.67
CA PHE A 290 -10.94 -6.07 -3.88
C PHE A 290 -10.65 -5.30 -5.19
N VAL A 291 -10.50 -3.98 -5.07
CA VAL A 291 -10.22 -3.07 -6.19
C VAL A 291 -8.72 -3.06 -6.43
N LEU A 292 -8.29 -3.74 -7.48
CA LEU A 292 -6.87 -3.95 -7.71
C LEU A 292 -6.30 -2.93 -8.67
N PRO A 293 -5.01 -2.56 -8.53
CA PRO A 293 -4.38 -1.79 -9.59
C PRO A 293 -4.60 -2.44 -10.99
N GLU A 294 -4.61 -1.62 -12.05
CA GLU A 294 -4.99 -2.10 -13.38
C GLU A 294 -4.20 -3.34 -13.85
N PHE A 295 -2.90 -3.36 -13.56
CA PHE A 295 -2.04 -4.46 -14.01
C PHE A 295 -2.50 -5.81 -13.46
N ALA A 296 -2.95 -5.80 -12.21
CA ALA A 296 -3.48 -6.98 -11.57
C ALA A 296 -4.92 -7.29 -11.92
N ARG A 297 -5.76 -6.26 -12.01
CA ARG A 297 -7.11 -6.43 -12.49
C ARG A 297 -7.10 -7.15 -13.86
N LYS A 298 -6.28 -6.63 -14.79
CA LYS A 298 -6.12 -7.21 -16.13
C LYS A 298 -5.64 -8.68 -16.08
N ALA A 299 -4.59 -8.92 -15.29
CA ALA A 299 -4.03 -10.26 -15.17
C ALA A 299 -5.00 -11.28 -14.52
N LEU A 300 -5.84 -10.83 -13.58
CA LEU A 300 -6.79 -11.75 -12.92
C LEU A 300 -8.12 -11.87 -13.61
N ASN A 301 -8.44 -10.91 -14.47
CA ASN A 301 -9.77 -10.88 -15.11
C ASN A 301 -9.77 -11.08 -16.62
N ASP A 302 -8.79 -10.47 -17.29
CA ASP A 302 -8.75 -10.45 -18.75
C ASP A 302 -7.97 -11.68 -19.25
N ALA B 17 27.03 5.09 1.24
CA ALA B 17 25.84 5.19 0.32
C ALA B 17 25.46 3.83 -0.29
N ILE B 18 26.35 3.29 -1.14
CA ILE B 18 26.23 1.89 -1.60
C ILE B 18 27.27 1.05 -0.84
N ARG B 19 26.78 0.12 -0.04
CA ARG B 19 27.63 -0.75 0.76
C ARG B 19 27.38 -2.22 0.42
N GLU B 20 28.44 -2.93 0.03
CA GLU B 20 28.38 -4.39 -0.19
C GLU B 20 27.25 -4.76 -1.18
N GLY B 21 27.20 -4.03 -2.28
CA GLY B 21 26.26 -4.30 -3.36
C GLY B 21 24.84 -3.87 -3.10
N TRP B 22 24.60 -3.17 -1.99
CA TRP B 22 23.25 -2.67 -1.69
C TRP B 22 23.23 -1.18 -1.38
N PHE B 23 22.14 -0.51 -1.77
CA PHE B 23 21.91 0.87 -1.38
C PHE B 23 20.78 0.86 -0.35
N ARG B 24 21.02 1.47 0.80
CA ARG B 24 20.01 1.52 1.86
C ARG B 24 19.51 2.95 2.05
N GLU B 25 18.21 3.13 1.94
CA GLU B 25 17.61 4.44 2.11
C GLU B 25 17.23 4.67 3.59
N THR B 26 17.92 5.56 4.27
CA THR B 26 17.56 5.94 5.64
C THR B 26 17.25 7.42 5.70
N CYS B 27 16.34 7.79 6.59
CA CYS B 27 15.95 9.19 6.77
C CYS B 27 15.25 9.38 8.09
N SER B 28 15.55 10.51 8.76
CA SER B 28 14.99 10.82 10.08
C SER B 28 13.46 10.96 10.03
N LEU B 29 12.95 11.17 8.83
CA LEU B 29 11.51 11.31 8.58
C LEU B 29 10.78 9.95 8.55
N TRP B 30 11.55 8.87 8.47
CA TRP B 30 10.98 7.53 8.68
C TRP B 30 11.95 6.72 9.55
N PRO B 31 12.03 7.07 10.85
CA PRO B 31 13.09 6.56 11.71
C PRO B 31 12.90 5.07 12.00
N GLY B 32 14.02 4.35 12.09
CA GLY B 32 14.01 2.97 12.53
C GLY B 32 13.59 1.96 11.49
N GLN B 33 13.31 2.44 10.27
CA GLN B 33 13.03 1.57 9.13
C GLN B 33 13.89 1.95 7.91
N ALA B 34 14.10 0.97 7.02
CA ALA B 34 14.86 1.21 5.79
C ALA B 34 14.51 0.20 4.72
N LEU B 35 14.28 0.71 3.50
CA LEU B 35 14.41 -0.08 2.28
C LEU B 35 15.86 -0.11 1.78
N SER B 36 16.34 -1.32 1.48
CA SER B 36 17.56 -1.53 0.68
C SER B 36 17.23 -2.15 -0.68
N LEU B 37 17.89 -1.67 -1.72
CA LEU B 37 17.78 -2.22 -3.07
C LEU B 37 19.17 -2.69 -3.53
N GLN B 38 19.22 -3.89 -4.09
CA GLN B 38 20.48 -4.45 -4.56
C GLN B 38 20.90 -3.77 -5.86
N VAL B 39 22.18 -3.44 -5.90
CA VAL B 39 22.79 -2.62 -6.94
C VAL B 39 23.53 -3.51 -7.93
N GLU B 40 23.15 -3.47 -9.20
CA GLU B 40 23.94 -4.16 -10.21
C GLU B 40 25.11 -3.23 -10.68
N GLN B 41 24.82 -1.95 -10.92
CA GLN B 41 25.80 -0.97 -11.42
C GLN B 41 25.53 0.47 -10.94
N LEU B 42 26.54 1.10 -10.39
CA LEU B 42 26.49 2.55 -10.25
C LEU B 42 26.51 3.16 -11.65
N LEU B 43 25.57 4.06 -11.93
CA LEU B 43 25.50 4.75 -13.23
C LEU B 43 25.96 6.19 -13.21
N HIS B 44 25.70 6.88 -12.08
CA HIS B 44 25.95 8.32 -11.97
C HIS B 44 25.85 8.84 -10.50
N HIS B 45 26.83 9.66 -10.10
CA HIS B 45 26.83 10.25 -8.74
C HIS B 45 27.52 11.62 -8.70
N ARG B 46 26.75 12.69 -8.87
CA ARG B 46 27.30 14.06 -8.91
C ARG B 46 26.36 14.99 -8.18
N ARG B 47 26.94 16.00 -7.52
CA ARG B 47 26.22 17.07 -6.85
C ARG B 47 25.93 18.20 -7.83
N SER B 48 24.65 18.60 -7.92
CA SER B 48 24.29 19.75 -8.75
C SER B 48 24.42 20.97 -7.86
N ARG B 49 24.00 22.13 -8.36
CA ARG B 49 23.93 23.32 -7.55
C ARG B 49 22.96 23.15 -6.35
N TYR B 50 22.03 22.19 -6.47
CA TYR B 50 20.91 22.06 -5.54
C TYR B 50 20.91 20.85 -4.62
N GLN B 51 21.42 19.72 -5.09
CA GLN B 51 21.21 18.44 -4.39
C GLN B 51 22.16 17.39 -4.88
N ASP B 52 22.28 16.32 -4.11
CA ASP B 52 23.08 15.17 -4.52
C ASP B 52 22.26 14.27 -5.42
N ILE B 53 22.82 13.90 -6.57
CA ILE B 53 22.10 13.09 -7.58
C ILE B 53 22.79 11.77 -7.82
N LEU B 54 22.09 10.70 -7.44
CA LEU B 54 22.64 9.38 -7.57
C LEU B 54 21.72 8.54 -8.43
N VAL B 55 22.27 7.92 -9.47
CA VAL B 55 21.51 6.95 -10.26
C VAL B 55 22.25 5.61 -10.26
N PHE B 56 21.51 4.52 -10.10
CA PHE B 56 22.05 3.18 -10.28
C PHE B 56 21.09 2.21 -10.98
N ARG B 57 21.66 1.21 -11.64
CA ARG B 57 20.93 0.04 -12.15
C ARG B 57 20.83 -0.97 -10.99
N SER B 58 19.59 -1.17 -10.52
CA SER B 58 19.33 -2.09 -9.46
C SER B 58 19.12 -3.43 -10.13
N LYS B 59 19.18 -4.47 -9.31
CA LYS B 59 19.06 -5.86 -9.73
C LYS B 59 17.64 -6.18 -10.19
N THR B 60 16.64 -5.67 -9.46
CA THR B 60 15.26 -6.07 -9.70
C THR B 60 14.26 -4.94 -9.94
N TYR B 61 14.69 -3.68 -9.85
CA TYR B 61 13.79 -2.51 -10.00
C TYR B 61 14.15 -1.59 -11.18
N GLY B 62 15.01 -2.09 -12.07
CA GLY B 62 15.48 -1.29 -13.18
C GLY B 62 16.27 -0.12 -12.61
N ASN B 63 16.29 0.98 -13.34
CA ASN B 63 17.06 2.14 -12.89
C ASN B 63 16.35 2.85 -11.75
N VAL B 64 17.16 3.41 -10.85
CA VAL B 64 16.69 4.06 -9.62
C VAL B 64 17.31 5.47 -9.48
N LEU B 65 16.46 6.49 -9.38
CA LEU B 65 16.92 7.86 -9.06
C LEU B 65 16.78 8.23 -7.57
N VAL B 66 17.90 8.73 -7.04
CA VAL B 66 18.05 9.08 -5.63
C VAL B 66 18.51 10.55 -5.51
N LEU B 67 17.72 11.35 -4.79
CA LEU B 67 18.02 12.78 -4.57
C LEU B 67 18.23 13.08 -3.08
N ASP B 68 19.44 13.53 -2.78
CA ASP B 68 19.93 13.71 -1.40
C ASP B 68 19.69 12.47 -0.53
N GLY B 69 19.96 11.29 -1.10
CA GLY B 69 19.73 9.99 -0.46
C GLY B 69 18.30 9.43 -0.33
N VAL B 70 17.31 10.16 -0.85
CA VAL B 70 15.91 9.71 -0.87
C VAL B 70 15.54 9.17 -2.26
N ILE B 71 15.10 7.91 -2.36
CA ILE B 71 14.61 7.32 -3.61
C ILE B 71 13.47 8.17 -4.23
N GLN B 72 13.68 8.67 -5.45
CA GLN B 72 12.68 9.48 -6.17
C GLN B 72 11.82 8.56 -7.00
N CYS B 73 12.45 7.60 -7.68
CA CYS B 73 11.74 6.69 -8.57
C CYS B 73 12.55 5.49 -8.97
N THR B 74 11.85 4.41 -9.34
CA THR B 74 12.46 3.20 -9.95
C THR B 74 11.63 2.92 -11.19
N GLU B 75 12.28 2.42 -12.21
CA GLU B 75 11.60 2.11 -13.46
C GLU B 75 10.51 1.06 -13.30
N ARG B 76 10.70 0.11 -12.37
CA ARG B 76 9.75 -0.98 -12.17
C ARG B 76 8.39 -0.52 -11.65
N ASP B 77 8.40 0.38 -10.67
CA ASP B 77 7.17 0.78 -10.04
C ASP B 77 6.75 2.23 -10.24
N GLU B 78 7.57 3.05 -10.92
CA GLU B 78 7.25 4.50 -11.26
C GLU B 78 5.76 4.72 -11.61
N PHE B 79 5.23 3.81 -12.42
CA PHE B 79 3.92 3.99 -13.04
C PHE B 79 2.80 4.26 -12.07
N SER B 80 2.84 3.68 -10.86
CA SER B 80 1.67 3.81 -9.97
C SER B 80 1.54 5.27 -9.49
N TYR B 81 2.63 5.83 -8.95
CA TYR B 81 2.66 7.23 -8.51
C TYR B 81 2.38 8.22 -9.65
N GLN B 82 3.04 8.00 -10.81
CA GLN B 82 2.97 8.89 -12.00
C GLN B 82 1.51 8.95 -12.51
N GLU B 83 0.93 7.77 -12.71
CA GLU B 83 -0.43 7.74 -13.20
C GLU B 83 -1.40 8.33 -12.19
N MET B 84 -1.16 8.10 -10.90
CA MET B 84 -2.11 8.52 -9.88
C MET B 84 -2.08 10.03 -9.66
N ILE B 85 -0.89 10.60 -9.49
CA ILE B 85 -0.75 12.05 -9.28
C ILE B 85 -1.27 12.90 -10.47
N ALA B 86 -1.14 12.34 -11.69
CA ALA B 86 -1.69 12.94 -12.90
C ALA B 86 -3.22 12.76 -13.02
N ASN B 87 -3.69 11.52 -12.90
CA ASN B 87 -5.10 11.25 -13.23
C ASN B 87 -6.14 11.55 -12.15
N LEU B 88 -5.72 11.45 -10.88
CA LEU B 88 -6.56 11.94 -9.76
C LEU B 88 -7.10 13.39 -9.97
N PRO B 89 -6.20 14.41 -10.17
CA PRO B 89 -6.80 15.72 -10.43
C PRO B 89 -7.41 15.87 -11.83
N LEU B 90 -6.73 15.37 -12.90
CA LEU B 90 -7.25 15.52 -14.29
C LEU B 90 -8.64 14.95 -14.49
N CYS B 91 -8.85 13.76 -13.94
CA CYS B 91 -10.17 13.09 -13.96
C CYS B 91 -11.22 13.65 -13.00
N SER B 92 -10.79 14.57 -12.16
CA SER B 92 -11.68 15.26 -11.23
C SER B 92 -12.10 16.66 -11.71
N HIS B 93 -11.68 17.02 -12.94
CA HIS B 93 -11.94 18.31 -13.60
C HIS B 93 -12.67 17.98 -14.90
N PRO B 94 -13.82 18.66 -15.16
CA PRO B 94 -14.58 18.35 -16.37
C PRO B 94 -13.90 18.67 -17.71
N ASN B 95 -12.89 19.54 -17.70
CA ASN B 95 -12.30 20.05 -18.92
C ASN B 95 -10.94 20.71 -18.67
N PRO B 96 -9.95 19.92 -18.22
CA PRO B 96 -8.65 20.52 -17.90
C PRO B 96 -7.81 20.75 -19.17
N ARG B 97 -7.46 22.00 -19.43
CA ARG B 97 -6.78 22.38 -20.66
C ARG B 97 -5.41 22.96 -20.41
N LYS B 98 -5.25 23.71 -19.31
CA LYS B 98 -3.96 24.31 -18.96
C LYS B 98 -3.44 23.71 -17.65
N VAL B 99 -2.30 23.04 -17.71
CA VAL B 99 -1.87 22.29 -16.55
C VAL B 99 -0.50 22.81 -16.13
N LEU B 100 -0.26 22.84 -14.82
CA LEU B 100 1.01 23.21 -14.27
C LEU B 100 1.60 22.08 -13.46
N ILE B 101 2.83 21.70 -13.78
CA ILE B 101 3.60 20.77 -12.95
C ILE B 101 4.74 21.48 -12.26
N ILE B 102 4.76 21.42 -10.93
CA ILE B 102 5.91 21.86 -10.15
C ILE B 102 6.77 20.63 -9.83
N GLY B 103 8.07 20.71 -10.14
CA GLY B 103 8.99 19.60 -9.97
C GLY B 103 8.99 18.71 -11.20
N GLY B 104 8.92 17.41 -11.00
CA GLY B 104 8.69 16.56 -12.16
C GLY B 104 9.89 16.32 -13.06
N GLY B 105 11.08 16.52 -12.51
CA GLY B 105 12.30 16.51 -13.33
C GLY B 105 12.48 15.26 -14.20
N ASP B 106 11.96 14.13 -13.73
CA ASP B 106 12.14 12.88 -14.48
C ASP B 106 11.28 12.85 -15.75
N GLY B 107 10.24 13.69 -15.81
CA GLY B 107 9.38 13.80 -16.99
C GLY B 107 8.17 12.87 -16.97
N GLY B 108 8.08 12.07 -15.89
CA GLY B 108 7.06 11.01 -15.74
C GLY B 108 5.63 11.50 -15.57
N VAL B 109 5.45 12.52 -14.74
CA VAL B 109 4.12 13.13 -14.60
C VAL B 109 3.65 13.76 -15.93
N LEU B 110 4.57 14.46 -16.58
CA LEU B 110 4.34 15.05 -17.90
C LEU B 110 3.87 14.01 -18.92
N ARG B 111 4.65 12.93 -19.05
CA ARG B 111 4.27 11.73 -19.81
C ARG B 111 2.75 11.39 -19.61
N GLU B 112 2.32 11.27 -18.37
CA GLU B 112 0.94 10.94 -18.06
C GLU B 112 -0.04 12.06 -18.34
N VAL B 113 0.30 13.30 -17.96
CA VAL B 113 -0.61 14.46 -18.24
C VAL B 113 -0.94 14.62 -19.73
N VAL B 114 0.09 14.59 -20.58
CA VAL B 114 -0.06 14.87 -22.03
C VAL B 114 -0.89 13.86 -22.82
N LYS B 115 -1.11 12.70 -22.19
CA LYS B 115 -2.01 11.66 -22.69
C LYS B 115 -3.48 12.10 -22.84
N HIS B 116 -3.89 13.09 -22.05
CA HIS B 116 -5.26 13.58 -22.11
C HIS B 116 -5.47 14.52 -23.30
N PRO B 117 -6.40 14.18 -24.22
CA PRO B 117 -6.66 15.07 -25.36
C PRO B 117 -7.12 16.48 -24.99
N SER B 118 -7.74 16.66 -23.83
CA SER B 118 -8.16 18.02 -23.41
C SER B 118 -6.99 18.97 -23.10
N VAL B 119 -5.86 18.41 -22.68
CA VAL B 119 -4.75 19.21 -22.22
C VAL B 119 -4.06 19.78 -23.46
N GLU B 120 -4.02 21.10 -23.54
CA GLU B 120 -3.37 21.79 -24.65
C GLU B 120 -1.96 22.27 -24.29
N SER B 121 -1.80 22.65 -23.02
CA SER B 121 -0.57 23.25 -22.55
C SER B 121 -0.21 22.68 -21.21
N VAL B 122 1.05 22.29 -21.08
CA VAL B 122 1.59 21.88 -19.81
C VAL B 122 2.82 22.68 -19.55
N VAL B 123 2.76 23.48 -18.48
CA VAL B 123 3.92 24.23 -18.03
C VAL B 123 4.58 23.40 -16.93
N GLN B 124 5.89 23.18 -17.04
CA GLN B 124 6.66 22.51 -15.98
C GLN B 124 7.72 23.44 -15.44
N CYS B 125 7.68 23.64 -14.12
CA CYS B 125 8.70 24.40 -13.42
C CYS B 125 9.58 23.47 -12.53
N GLU B 126 10.74 23.13 -13.07
CA GLU B 126 11.79 22.38 -12.38
C GLU B 126 12.94 23.34 -11.99
N ILE B 127 13.50 23.18 -10.78
CA ILE B 127 14.53 24.05 -10.23
C ILE B 127 15.92 23.59 -10.74
N ASP B 128 16.05 22.30 -11.00
CA ASP B 128 17.35 21.66 -11.19
C ASP B 128 17.49 21.01 -12.59
N GLU B 129 18.03 21.77 -13.56
CA GLU B 129 18.25 21.31 -14.93
C GLU B 129 19.09 20.02 -15.03
N ASP B 130 20.01 19.84 -14.10
CA ASP B 130 20.75 18.58 -13.95
C ASP B 130 19.90 17.32 -13.73
N VAL B 131 18.86 17.42 -12.92
CA VAL B 131 17.90 16.31 -12.78
C VAL B 131 17.31 15.97 -14.15
N ILE B 132 16.96 16.99 -14.92
CA ILE B 132 16.42 16.78 -16.27
C ILE B 132 17.39 16.02 -17.20
N GLN B 133 18.64 16.51 -17.29
CA GLN B 133 19.68 15.88 -18.07
C GLN B 133 19.85 14.39 -17.68
N VAL B 134 20.02 14.15 -16.39
CA VAL B 134 20.23 12.81 -15.87
C VAL B 134 19.04 11.85 -16.21
N SER B 135 17.80 12.33 -16.01
CA SER B 135 16.60 11.55 -16.33
C SER B 135 16.47 11.24 -17.79
N LYS B 136 16.85 12.18 -18.66
CA LYS B 136 16.83 11.94 -20.10
C LYS B 136 17.77 10.77 -20.50
N LYS B 137 18.94 10.68 -19.86
CA LYS B 137 19.84 9.54 -20.11
C LYS B 137 19.38 8.22 -19.41
N PHE B 138 19.00 8.29 -18.15
CA PHE B 138 18.87 7.07 -17.35
C PHE B 138 17.45 6.64 -17.05
N LEU B 139 16.49 7.51 -17.32
CA LEU B 139 15.07 7.18 -17.11
C LEU B 139 14.23 7.38 -18.39
N PRO B 140 14.62 6.68 -19.48
CA PRO B 140 14.02 6.99 -20.78
C PRO B 140 12.51 6.80 -20.85
N GLY B 141 11.99 5.87 -20.06
CA GLY B 141 10.57 5.54 -20.03
C GLY B 141 9.77 6.64 -19.36
N MET B 142 10.44 7.38 -18.50
CA MET B 142 9.83 8.53 -17.86
C MET B 142 10.05 9.82 -18.68
N ALA B 143 11.27 10.06 -19.14
CA ALA B 143 11.66 11.34 -19.77
C ALA B 143 11.14 11.51 -21.20
N ILE B 144 10.57 10.46 -21.78
CA ILE B 144 9.74 10.56 -23.00
C ILE B 144 8.72 11.73 -22.91
N GLY B 145 8.32 12.10 -21.69
CA GLY B 145 7.42 13.24 -21.45
C GLY B 145 7.93 14.53 -22.11
N TYR B 146 9.25 14.74 -22.09
CA TYR B 146 9.87 15.94 -22.69
C TYR B 146 9.80 16.06 -24.21
N SER B 147 9.36 14.99 -24.87
CA SER B 147 9.15 15.03 -26.33
C SER B 147 7.78 15.66 -26.72
N SER B 148 6.90 15.88 -25.74
CA SER B 148 5.56 16.46 -26.02
C SER B 148 5.64 17.92 -26.49
N SER B 149 4.93 18.21 -27.59
CA SER B 149 4.73 19.58 -28.09
C SER B 149 3.87 20.47 -27.16
N LYS B 150 3.17 19.86 -26.22
CA LYS B 150 2.36 20.65 -25.28
C LYS B 150 3.20 21.26 -24.14
N LEU B 151 4.45 20.82 -23.99
CA LEU B 151 5.31 21.30 -22.89
C LEU B 151 5.85 22.73 -23.07
N THR B 152 5.65 23.58 -22.05
CA THR B 152 6.51 24.75 -21.83
C THR B 152 7.43 24.45 -20.63
N LEU B 153 8.74 24.30 -20.82
CA LEU B 153 9.59 24.06 -19.66
C LEU B 153 10.09 25.39 -19.03
N HIS B 154 9.96 25.49 -17.70
CA HIS B 154 10.35 26.72 -16.99
C HIS B 154 11.39 26.34 -15.96
N VAL B 155 12.30 27.26 -15.64
CA VAL B 155 13.35 26.98 -14.65
C VAL B 155 13.12 27.83 -13.43
N GLY B 156 13.27 27.21 -12.26
CA GLY B 156 13.25 27.99 -11.05
C GLY B 156 12.58 27.32 -9.89
N ASP B 157 12.58 28.03 -8.77
CA ASP B 157 11.89 27.60 -7.55
C ASP B 157 10.39 27.78 -7.80
N GLY B 158 9.66 26.66 -7.79
CA GLY B 158 8.23 26.65 -8.01
C GLY B 158 7.43 27.52 -7.05
N PHE B 159 7.97 27.77 -5.85
CA PHE B 159 7.32 28.63 -4.86
C PHE B 159 7.19 30.06 -5.36
N GLU B 160 8.34 30.63 -5.69
CA GLU B 160 8.41 31.97 -6.26
C GLU B 160 7.73 32.02 -7.62
N PHE B 161 7.91 31.00 -8.47
CA PHE B 161 7.17 30.90 -9.74
C PHE B 161 5.64 31.02 -9.57
N MET B 162 5.09 30.40 -8.52
CA MET B 162 3.64 30.34 -8.34
C MET B 162 3.05 31.75 -8.22
N LYS B 163 3.85 32.65 -7.64
CA LYS B 163 3.52 34.06 -7.43
C LYS B 163 3.29 34.83 -8.72
N GLN B 164 3.92 34.40 -9.80
CA GLN B 164 3.80 34.99 -11.13
C GLN B 164 2.42 34.81 -11.76
N ASN B 165 1.66 33.86 -11.25
CA ASN B 165 0.46 33.35 -11.95
C ASN B 165 -0.80 33.70 -11.21
N GLN B 166 -1.85 34.01 -11.95
CA GLN B 166 -3.13 34.30 -11.34
C GLN B 166 -4.24 33.93 -12.30
N ASP B 167 -5.12 33.04 -11.86
CA ASP B 167 -6.27 32.60 -12.65
C ASP B 167 -5.79 32.07 -14.03
N ALA B 168 -4.76 31.23 -13.96
CA ALA B 168 -4.00 30.77 -15.12
C ALA B 168 -4.22 29.28 -15.46
N PHE B 169 -4.30 28.44 -14.43
CA PHE B 169 -4.31 26.99 -14.62
C PHE B 169 -5.61 26.28 -14.18
N ASP B 170 -5.99 25.26 -14.93
CA ASP B 170 -7.08 24.36 -14.56
C ASP B 170 -6.63 23.35 -13.50
N VAL B 171 -5.37 22.90 -13.59
CA VAL B 171 -4.86 21.81 -12.76
C VAL B 171 -3.43 22.19 -12.37
N ILE B 172 -3.10 22.07 -11.08
CA ILE B 172 -1.69 22.18 -10.64
C ILE B 172 -1.33 20.91 -9.90
N ILE B 173 -0.22 20.33 -10.31
CA ILE B 173 0.31 19.14 -9.72
C ILE B 173 1.68 19.48 -9.19
N THR B 174 1.88 19.16 -7.92
CA THR B 174 3.18 19.29 -7.31
C THR B 174 3.80 17.87 -7.10
N ASP B 175 4.74 17.54 -7.98
CA ASP B 175 5.55 16.32 -7.89
C ASP B 175 6.90 16.69 -7.22
N SER B 176 6.89 16.72 -5.89
CA SER B 176 7.97 17.35 -5.15
C SER B 176 9.10 16.41 -4.72
N SER B 177 10.31 16.99 -4.65
CA SER B 177 11.47 16.38 -3.99
C SER B 177 11.15 16.33 -2.47
N ASP B 178 12.14 16.04 -1.62
CA ASP B 178 11.83 15.90 -0.19
C ASP B 178 12.19 17.12 0.69
N PRO B 179 11.42 17.33 1.79
CA PRO B 179 11.42 18.40 2.83
C PRO B 179 12.74 19.17 3.09
N MET B 180 13.86 18.46 3.28
CA MET B 180 15.20 19.06 3.26
C MET B 180 15.42 19.53 1.82
N GLY B 181 16.63 19.89 1.45
CA GLY B 181 16.88 20.26 0.05
C GLY B 181 15.93 21.29 -0.53
N PRO B 182 15.97 21.47 -1.86
CA PRO B 182 15.18 22.53 -2.54
C PRO B 182 13.65 22.47 -2.42
N ALA B 183 13.08 21.32 -2.06
CA ALA B 183 11.62 21.23 -1.98
C ALA B 183 11.03 21.89 -0.71
N GLU B 184 11.87 22.31 0.22
CA GLU B 184 11.39 22.93 1.45
C GLU B 184 10.45 24.12 1.19
N SER B 185 10.79 24.96 0.20
CA SER B 185 9.95 26.10 -0.17
C SER B 185 8.52 25.73 -0.58
N LEU B 186 8.39 24.54 -1.15
CA LEU B 186 7.09 23.96 -1.52
C LEU B 186 6.31 23.42 -0.30
N PHE B 187 6.94 23.50 0.88
CA PHE B 187 6.35 22.96 2.12
C PHE B 187 5.89 24.04 3.09
N LYS B 188 6.06 25.28 2.65
CA LYS B 188 5.51 26.44 3.30
C LYS B 188 4.00 26.45 3.00
N GLU B 189 3.17 26.55 4.06
CA GLU B 189 1.70 26.51 3.92
C GLU B 189 1.15 27.59 2.98
N SER B 190 1.83 28.74 2.94
CA SER B 190 1.56 29.82 1.95
C SER B 190 1.57 29.38 0.47
N TYR B 191 2.37 28.36 0.15
CA TYR B 191 2.34 27.75 -1.17
C TYR B 191 0.91 27.35 -1.62
N TYR B 192 0.14 26.75 -0.71
CA TYR B 192 -1.25 26.38 -1.01
C TYR B 192 -2.18 27.55 -1.40
N GLN B 193 -2.02 28.70 -0.75
CA GLN B 193 -2.71 29.92 -1.16
C GLN B 193 -2.20 30.52 -2.46
N LEU B 194 -0.88 30.48 -2.67
CA LEU B 194 -0.28 30.76 -3.98
C LEU B 194 -0.90 29.92 -5.12
N MET B 195 -1.01 28.61 -4.88
CA MET B 195 -1.68 27.71 -5.81
C MET B 195 -3.15 28.05 -6.02
N LYS B 196 -3.86 28.41 -4.94
CA LYS B 196 -5.28 28.80 -5.08
C LYS B 196 -5.40 30.03 -6.02
N THR B 197 -4.47 30.98 -5.87
CA THR B 197 -4.48 32.23 -6.67
C THR B 197 -4.14 31.92 -8.13
N ALA B 198 -3.16 31.05 -8.35
CA ALA B 198 -2.74 30.66 -9.68
C ALA B 198 -3.81 29.86 -10.43
N LEU B 199 -4.68 29.19 -9.69
CA LEU B 199 -5.72 28.34 -10.25
C LEU B 199 -6.81 29.21 -10.84
N LYS B 200 -7.47 28.72 -11.89
CA LYS B 200 -8.69 29.36 -12.37
C LYS B 200 -9.79 29.26 -11.31
N GLU B 201 -10.94 29.93 -11.58
CA GLU B 201 -12.09 29.94 -10.69
C GLU B 201 -12.53 28.56 -10.21
N ASP B 202 -12.43 27.55 -11.10
CA ASP B 202 -12.91 26.20 -10.79
C ASP B 202 -11.77 25.20 -10.87
N GLY B 203 -10.53 25.63 -10.60
CA GLY B 203 -9.42 24.76 -10.81
C GLY B 203 -9.23 23.82 -9.63
N VAL B 204 -8.43 22.77 -9.85
CA VAL B 204 -8.15 21.77 -8.83
C VAL B 204 -6.63 21.60 -8.74
N LEU B 205 -6.14 21.14 -7.60
CA LEU B 205 -4.72 20.84 -7.49
C LEU B 205 -4.53 19.46 -6.89
N CYS B 206 -3.33 18.91 -7.06
CA CYS B 206 -2.96 17.68 -6.42
C CYS B 206 -1.49 17.79 -6.04
N CYS B 207 -1.17 17.60 -4.76
CA CYS B 207 0.24 17.59 -4.29
C CYS B 207 0.63 16.26 -3.71
N GLN B 208 1.90 15.94 -3.81
CA GLN B 208 2.41 14.84 -3.05
C GLN B 208 2.12 15.09 -1.57
N GLY B 209 1.44 14.12 -0.97
CA GLY B 209 1.09 14.19 0.42
C GLY B 209 1.99 13.30 1.25
N GLU B 210 1.54 13.04 2.48
CA GLU B 210 2.30 12.25 3.40
C GLU B 210 1.83 10.80 3.34
N CYS B 211 2.66 9.88 3.82
CA CYS B 211 2.27 8.49 4.04
C CYS B 211 1.42 8.40 5.29
N GLN B 212 0.23 7.79 5.18
CA GLN B 212 -0.72 7.75 6.28
C GLN B 212 -0.26 6.80 7.40
N TRP B 213 0.69 5.92 7.06
CA TRP B 213 1.35 5.01 8.01
C TRP B 213 2.59 5.62 8.70
N LEU B 214 3.03 6.80 8.23
CA LEU B 214 4.19 7.49 8.81
C LEU B 214 3.92 8.85 9.45
N HIS B 215 3.09 9.67 8.83
CA HIS B 215 2.87 11.06 9.26
C HIS B 215 1.39 11.46 9.16
N LEU B 216 0.53 10.66 9.78
CA LEU B 216 -0.90 10.98 9.83
C LEU B 216 -1.18 12.35 10.50
N ASP B 217 -0.41 12.68 11.53
CA ASP B 217 -0.54 13.98 12.18
C ASP B 217 -0.38 15.15 11.19
N LEU B 218 0.57 15.06 10.27
CA LEU B 218 0.82 16.12 9.31
C LEU B 218 -0.27 16.21 8.24
N ILE B 219 -0.82 15.05 7.89
CA ILE B 219 -1.96 14.97 6.97
C ILE B 219 -3.17 15.66 7.56
N LYS B 220 -3.47 15.36 8.82
CA LYS B 220 -4.55 16.02 9.55
C LYS B 220 -4.37 17.56 9.61
N GLU B 221 -3.18 18.05 9.99
CA GLU B 221 -2.87 19.50 9.96
C GLU B 221 -3.03 20.13 8.57
N MET B 222 -2.42 19.49 7.56
CA MET B 222 -2.49 19.96 6.19
C MET B 222 -3.93 20.01 5.64
N ARG B 223 -4.70 18.95 5.89
CA ARG B 223 -6.13 18.91 5.55
C ARG B 223 -6.92 20.06 6.20
N GLN B 224 -6.66 20.34 7.49
CA GLN B 224 -7.37 21.43 8.18
C GLN B 224 -6.98 22.83 7.63
N PHE B 225 -5.70 23.00 7.28
CA PHE B 225 -5.23 24.22 6.64
C PHE B 225 -5.91 24.44 5.26
N CYS B 226 -5.88 23.40 4.42
CA CYS B 226 -6.48 23.46 3.10
C CYS B 226 -7.99 23.67 3.18
N GLN B 227 -8.62 23.04 4.17
CA GLN B 227 -10.08 23.21 4.39
C GLN B 227 -10.45 24.68 4.66
N SER B 228 -9.51 25.45 5.21
CA SER B 228 -9.73 26.86 5.51
C SER B 228 -9.66 27.74 4.23
N LEU B 229 -8.94 27.24 3.21
CA LEU B 229 -8.77 27.87 1.89
C LEU B 229 -9.77 27.42 0.82
N PHE B 230 -10.18 26.14 0.85
CA PHE B 230 -10.83 25.52 -0.30
C PHE B 230 -12.12 24.85 0.20
N PRO B 231 -13.20 24.94 -0.60
CA PRO B 231 -14.49 24.31 -0.29
C PRO B 231 -14.39 22.78 -0.27
N VAL B 232 -13.49 22.20 -1.04
CA VAL B 232 -13.41 20.76 -1.17
C VAL B 232 -11.95 20.31 -1.08
N VAL B 233 -11.66 19.48 -0.09
CA VAL B 233 -10.31 19.02 0.20
C VAL B 233 -10.44 17.50 0.41
N ALA B 234 -9.53 16.72 -0.19
CA ALA B 234 -9.50 15.26 -0.05
C ALA B 234 -8.10 14.63 0.02
N TYR B 235 -8.00 13.53 0.73
CA TYR B 235 -6.75 12.77 0.72
C TYR B 235 -6.95 11.39 0.05
N ALA B 236 -6.05 11.05 -0.85
CA ALA B 236 -6.03 9.75 -1.44
C ALA B 236 -4.61 9.16 -1.34
N TYR B 237 -4.49 7.87 -1.63
CA TYR B 237 -3.17 7.19 -1.60
C TYR B 237 -3.07 6.12 -2.68
N CYS B 238 -1.84 5.75 -3.01
CA CYS B 238 -1.56 4.60 -3.87
C CYS B 238 -0.45 3.76 -3.25
N THR B 239 -0.31 2.53 -3.77
CA THR B 239 0.78 1.67 -3.34
C THR B 239 1.93 1.66 -4.33
N ILE B 240 3.13 1.55 -3.79
CA ILE B 240 4.34 1.71 -4.54
C ILE B 240 5.44 1.24 -3.61
N PRO B 241 5.94 0.02 -3.86
CA PRO B 241 6.87 -0.68 -2.95
C PRO B 241 8.09 0.18 -2.52
N THR B 242 8.52 1.08 -3.38
CA THR B 242 9.79 1.76 -3.13
C THR B 242 9.67 3.17 -2.59
N TYR B 243 8.47 3.59 -2.18
CA TYR B 243 8.35 4.70 -1.20
C TYR B 243 8.28 4.17 0.22
N PRO B 244 8.70 4.97 1.22
CA PRO B 244 8.70 4.48 2.61
C PRO B 244 7.34 3.92 3.03
N SER B 245 7.40 2.74 3.67
CA SER B 245 6.21 2.00 4.08
C SER B 245 5.32 1.48 2.91
N GLY B 246 5.80 1.63 1.69
CA GLY B 246 5.24 0.97 0.51
C GLY B 246 4.01 1.63 -0.10
N GLN B 247 3.76 2.88 0.28
CA GLN B 247 2.66 3.66 -0.26
C GLN B 247 2.88 5.16 -0.04
N ILE B 248 2.12 6.00 -0.74
CA ILE B 248 2.14 7.45 -0.53
C ILE B 248 0.77 8.07 -0.77
N GLY B 249 0.55 9.25 -0.20
CA GLY B 249 -0.71 9.96 -0.34
C GLY B 249 -0.62 11.22 -1.18
N PHE B 250 -1.79 11.78 -1.49
CA PHE B 250 -1.99 12.96 -2.32
C PHE B 250 -2.97 13.86 -1.62
N MET B 251 -2.63 15.15 -1.56
CA MET B 251 -3.60 16.15 -1.18
C MET B 251 -4.29 16.70 -2.43
N LEU B 252 -5.61 16.72 -2.39
CA LEU B 252 -6.43 17.21 -3.48
C LEU B 252 -7.32 18.36 -2.97
N CYS B 253 -7.27 19.48 -3.68
CA CYS B 253 -8.03 20.64 -3.29
C CYS B 253 -8.73 21.16 -4.52
N SER B 254 -9.98 21.55 -4.34
CA SER B 254 -10.67 22.19 -5.42
C SER B 254 -11.21 23.56 -4.99
N LYS B 255 -11.17 24.50 -5.91
CA LYS B 255 -11.87 25.79 -5.76
C LYS B 255 -13.36 25.68 -6.12
N ASN B 256 -13.74 24.59 -6.77
CA ASN B 256 -15.12 24.30 -7.18
C ASN B 256 -15.84 23.53 -6.06
N PRO B 257 -16.85 24.16 -5.38
CA PRO B 257 -17.52 23.48 -4.27
C PRO B 257 -18.27 22.20 -4.67
N SER B 258 -18.57 22.05 -5.96
CA SER B 258 -19.20 20.85 -6.48
C SER B 258 -18.27 19.71 -6.87
N THR B 259 -16.95 19.96 -6.93
CA THR B 259 -16.02 18.87 -7.18
C THR B 259 -16.24 17.79 -6.14
N ASN B 260 -16.44 16.54 -6.60
CA ASN B 260 -16.43 15.34 -5.78
C ASN B 260 -15.20 14.52 -6.18
N PHE B 261 -14.11 14.66 -5.42
CA PHE B 261 -12.89 13.94 -5.77
C PHE B 261 -13.04 12.42 -5.81
N GLN B 262 -13.93 11.89 -4.97
CA GLN B 262 -14.10 10.44 -4.79
C GLN B 262 -14.76 9.78 -6.01
N GLU B 263 -15.64 10.50 -6.69
CA GLU B 263 -16.30 9.97 -7.87
C GLU B 263 -15.80 10.75 -9.11
N PRO B 264 -14.95 10.12 -9.96
CA PRO B 264 -14.37 10.87 -11.09
C PRO B 264 -15.44 11.59 -11.95
N VAL B 265 -15.35 12.91 -12.05
CA VAL B 265 -16.18 13.62 -13.02
C VAL B 265 -15.87 13.19 -14.48
N GLN B 266 -14.62 12.79 -14.75
CA GLN B 266 -14.27 12.17 -16.05
C GLN B 266 -13.96 10.70 -15.85
N PRO B 267 -15.00 9.84 -15.83
CA PRO B 267 -14.70 8.42 -15.76
C PRO B 267 -13.98 8.00 -17.07
N LEU B 268 -12.99 7.12 -16.96
CA LEU B 268 -12.31 6.55 -18.13
C LEU B 268 -12.98 5.24 -18.53
N THR B 269 -13.23 5.06 -19.82
CA THR B 269 -13.72 3.78 -20.32
C THR B 269 -12.53 2.81 -20.35
N GLN B 270 -12.81 1.52 -20.44
CA GLN B 270 -11.72 0.54 -20.56
C GLN B 270 -10.88 0.79 -21.85
N GLN B 271 -11.55 1.22 -22.93
CA GLN B 271 -10.87 1.62 -24.17
C GLN B 271 -9.81 2.68 -23.88
N GLN B 272 -10.19 3.71 -23.12
CA GLN B 272 -9.25 4.78 -22.79
C GLN B 272 -8.07 4.31 -21.95
N VAL B 273 -8.34 3.49 -20.93
CA VAL B 273 -7.32 2.90 -20.06
C VAL B 273 -6.31 2.11 -20.86
N ALA B 274 -6.82 1.27 -21.77
CA ALA B 274 -6.00 0.54 -22.74
C ALA B 274 -5.19 1.46 -23.65
N GLN B 275 -5.84 2.43 -24.28
CA GLN B 275 -5.17 3.41 -25.16
C GLN B 275 -4.08 4.22 -24.43
N MET B 276 -4.35 4.59 -23.19
CA MET B 276 -3.42 5.35 -22.39
C MET B 276 -2.31 4.46 -21.78
N GLN B 277 -2.37 3.15 -22.06
CA GLN B 277 -1.36 2.17 -21.58
C GLN B 277 -1.19 2.22 -20.03
N LEU B 278 -2.29 2.45 -19.33
CA LEU B 278 -2.23 2.58 -17.87
C LEU B 278 -1.97 1.22 -17.23
N LYS B 279 -1.12 1.22 -16.22
CA LYS B 279 -0.74 -0.01 -15.56
C LYS B 279 -1.28 -0.04 -14.12
N TYR B 280 -1.71 1.11 -13.59
CA TYR B 280 -2.22 1.24 -12.23
C TYR B 280 -3.64 1.85 -12.20
N TYR B 281 -3.75 3.05 -12.75
CA TYR B 281 -4.98 3.85 -12.68
C TYR B 281 -6.10 3.30 -13.56
N ASN B 282 -7.30 3.32 -13.00
CA ASN B 282 -8.56 3.24 -13.78
C ASN B 282 -9.59 3.90 -12.86
N SER B 283 -10.86 3.93 -13.26
CA SER B 283 -11.87 4.67 -12.51
C SER B 283 -12.24 4.08 -11.14
N ASP B 284 -12.23 2.75 -11.07
CA ASP B 284 -12.47 2.07 -9.81
C ASP B 284 -11.34 2.27 -8.84
N VAL B 285 -10.11 2.14 -9.36
CA VAL B 285 -8.88 2.49 -8.60
C VAL B 285 -8.93 3.90 -8.04
N HIS B 286 -9.26 4.88 -8.89
CA HIS B 286 -9.56 6.26 -8.47
C HIS B 286 -10.46 6.31 -7.21
N ARG B 287 -11.65 5.69 -7.29
CA ARG B 287 -12.61 5.69 -6.20
C ARG B 287 -12.01 5.04 -4.96
N ALA B 288 -11.46 3.83 -5.10
CA ALA B 288 -10.95 3.12 -3.95
C ALA B 288 -9.79 3.83 -3.25
N ALA B 289 -9.09 4.72 -3.96
CA ALA B 289 -7.90 5.41 -3.45
C ALA B 289 -8.22 6.39 -2.31
N PHE B 290 -9.49 6.76 -2.20
CA PHE B 290 -10.00 7.58 -1.10
C PHE B 290 -10.58 6.79 0.11
N VAL B 291 -10.61 5.47 0.00
CA VAL B 291 -11.07 4.62 1.10
C VAL B 291 -9.84 4.29 1.96
N LEU B 292 -9.78 4.92 3.11
CA LEU B 292 -8.64 4.81 3.99
C LEU B 292 -8.86 3.75 5.04
N PRO B 293 -7.77 3.19 5.59
CA PRO B 293 -7.84 2.36 6.79
C PRO B 293 -8.61 3.11 7.88
N GLU B 294 -9.35 2.37 8.71
CA GLU B 294 -10.16 2.98 9.79
C GLU B 294 -9.40 4.03 10.60
N PHE B 295 -8.14 3.75 10.96
CA PHE B 295 -7.33 4.69 11.79
C PHE B 295 -7.16 6.05 11.12
N ALA B 296 -6.95 6.01 9.81
CA ALA B 296 -6.73 7.23 9.04
C ALA B 296 -8.06 7.90 8.80
N ARG B 297 -9.09 7.13 8.41
CA ARG B 297 -10.45 7.65 8.23
C ARG B 297 -10.91 8.42 9.49
N LYS B 298 -10.73 7.79 10.67
CA LYS B 298 -11.11 8.35 11.97
C LYS B 298 -10.42 9.69 12.26
N ALA B 299 -9.10 9.70 12.03
CA ALA B 299 -8.25 10.84 12.24
C ALA B 299 -8.58 12.04 11.36
N LEU B 300 -9.01 11.80 10.11
CA LEU B 300 -9.28 12.87 9.14
C LEU B 300 -10.73 13.33 9.15
N ASN B 301 -11.64 12.50 9.66
CA ASN B 301 -13.07 12.79 9.66
C ASN B 301 -13.65 12.85 11.07
#